data_6G7B
#
_entry.id   6G7B
#
_cell.length_a   39.848
_cell.length_b   101.316
_cell.length_c   78.432
_cell.angle_alpha   90.00
_cell.angle_beta   104.63
_cell.angle_gamma   90.00
#
_symmetry.space_group_name_H-M   'P 1 21 1'
#
loop_
_entity.id
_entity.type
_entity.pdbx_description
1 polymer 'ImpA-related domain protein'
2 water water
#
_entity_poly.entity_id   1
_entity_poly.type   'polypeptide(L)'
_entity_poly.pdbx_seq_one_letter_code
;MSYQHPWCARLLTSLPDEQIRGAVLADEPRWDYVETELVKLGSLAHSQVDLNAVAEACLGLLESRTKDMRVLAQLLRCLQ
HPAKATPLGAAISLLEAWIQAYWLLAWPGNASQKQRLMVQIVKRFEGALPRICESASAAELAQLLAQAEQLERVWLAQCP
DKGELLDPLVMGLKRAQRQQLAQAEANAAGQPQSSGAAAAGSPASVASTASCAGAMVLSGSAGVDVDSSNDRAWRQTQLK
VAELLIERQPEVAVGYRLRRHAVWAGITAVPMSGAGNKTPLAPMSADMVDEYRAAMNAPDQGLWQRIEQSLTLAPYWFEG
HRLSAEVAEKLGFGAVAQAIAEELGTFLQRLPALRELAFSDGSPFLSPECSRWLLEHHHHHH
;
_entity_poly.pdbx_strand_id   D,B,A,C
#
# COMPACT_ATOMS: atom_id res chain seq x y z
N ASP A 231 -9.91 33.62 -5.20
CA ASP A 231 -9.62 34.74 -6.15
C ASP A 231 -9.34 34.28 -7.59
N ARG A 232 -9.84 35.07 -8.54
CA ARG A 232 -9.82 34.76 -9.97
C ARG A 232 -8.47 34.91 -10.63
N ALA A 233 -7.76 35.99 -10.31
CA ALA A 233 -6.49 36.24 -10.96
C ALA A 233 -5.46 35.12 -10.58
N TRP A 234 -5.61 34.56 -9.38
CA TRP A 234 -4.74 33.50 -8.87
C TRP A 234 -4.95 32.22 -9.69
N ARG A 235 -6.21 31.80 -9.82
CA ARG A 235 -6.64 30.72 -10.77
C ARG A 235 -6.02 30.90 -12.14
N GLN A 236 -6.11 32.11 -12.71
CA GLN A 236 -5.60 32.38 -14.07
C GLN A 236 -4.07 32.28 -14.16
N THR A 237 -3.41 32.75 -13.11
CA THR A 237 -1.98 32.69 -13.03
C THR A 237 -1.53 31.22 -13.04
N GLN A 238 -2.15 30.42 -12.21
CA GLN A 238 -1.90 28.98 -12.14
C GLN A 238 -2.12 28.27 -13.46
N LEU A 239 -3.24 28.56 -14.13
CA LEU A 239 -3.51 27.98 -15.45
C LEU A 239 -2.47 28.35 -16.51
N LYS A 240 -2.00 29.61 -16.52
CA LYS A 240 -1.05 30.01 -17.48
C LYS A 240 0.27 29.35 -17.20
N VAL A 241 0.62 29.22 -15.93
CA VAL A 241 1.89 28.57 -15.60
C VAL A 241 1.80 27.10 -16.05
N ALA A 242 0.67 26.51 -15.73
CA ALA A 242 0.42 25.10 -16.04
C ALA A 242 0.51 24.89 -17.52
N GLU A 243 -0.13 25.76 -18.29
CA GLU A 243 -0.11 25.67 -19.75
C GLU A 243 1.32 25.71 -20.30
N LEU A 244 2.13 26.61 -19.78
CA LEU A 244 3.48 26.77 -20.27
C LEU A 244 4.36 25.56 -19.88
N LEU A 245 4.15 25.01 -18.67
CA LEU A 245 4.86 23.78 -18.26
C LEU A 245 4.54 22.59 -19.11
N ILE A 246 3.24 22.38 -19.37
CA ILE A 246 2.82 21.33 -20.30
C ILE A 246 3.34 21.52 -21.74
N GLU A 247 3.20 22.73 -22.29
CA GLU A 247 3.72 23.01 -23.62
C GLU A 247 5.22 22.67 -23.76
N ARG A 248 6.05 23.14 -22.83
CA ARG A 248 7.49 22.90 -22.88
C ARG A 248 7.86 21.45 -22.70
N GLN A 249 7.13 20.73 -21.84
CA GLN A 249 7.47 19.38 -21.52
C GLN A 249 6.25 18.58 -21.36
N PRO A 250 5.69 18.09 -22.48
CA PRO A 250 4.41 17.41 -22.34
C PRO A 250 4.50 16.12 -21.57
N GLU A 251 5.69 15.54 -21.44
CA GLU A 251 5.88 14.28 -20.73
C GLU A 251 6.09 14.45 -19.22
N VAL A 252 6.07 15.68 -18.71
CA VAL A 252 6.35 15.98 -17.33
C VAL A 252 5.02 16.20 -16.58
N ALA A 253 4.86 15.53 -15.43
CA ALA A 253 3.61 15.55 -14.69
C ALA A 253 3.20 16.93 -14.11
N VAL A 254 4.17 17.70 -13.61
CA VAL A 254 3.86 18.79 -12.71
C VAL A 254 2.91 19.84 -13.32
N GLY A 255 3.04 20.17 -14.59
CA GLY A 255 2.11 21.13 -15.16
C GLY A 255 0.67 20.65 -15.18
N TYR A 256 0.49 19.37 -15.49
CA TYR A 256 -0.86 18.76 -15.36
C TYR A 256 -1.44 18.83 -13.92
N ARG A 257 -0.59 18.57 -12.93
CA ARG A 257 -0.98 18.67 -11.56
C ARG A 257 -1.38 20.09 -11.17
N LEU A 258 -0.59 21.04 -11.66
CA LEU A 258 -0.90 22.45 -11.38
C LEU A 258 -2.27 22.89 -11.93
N ARG A 259 -2.59 22.42 -13.09
CA ARG A 259 -3.91 22.66 -13.68
C ARG A 259 -5.01 22.14 -12.80
N ARG A 260 -4.86 20.91 -12.28
CA ARG A 260 -5.86 20.39 -11.38
C ARG A 260 -6.09 21.28 -10.14
N HIS A 261 -5.00 21.72 -9.52
CA HIS A 261 -5.10 22.49 -8.34
C HIS A 261 -5.86 23.76 -8.68
N ALA A 262 -5.52 24.39 -9.80
CA ALA A 262 -6.21 25.62 -10.26
C ALA A 262 -7.70 25.46 -10.42
N VAL A 263 -8.10 24.33 -10.98
CA VAL A 263 -9.52 24.07 -11.31
C VAL A 263 -10.28 23.70 -10.05
N TRP A 264 -9.67 22.89 -9.18
CA TRP A 264 -10.36 22.27 -8.08
C TRP A 264 -10.10 22.88 -6.68
N ALA A 265 -9.01 23.62 -6.44
CA ALA A 265 -8.61 23.88 -5.02
C ALA A 265 -9.65 24.70 -4.27
N GLY A 266 -10.39 25.54 -4.97
CA GLY A 266 -11.43 26.39 -4.37
C GLY A 266 -12.77 25.75 -4.08
N ILE A 267 -12.94 24.47 -4.43
CA ILE A 267 -14.14 23.71 -4.19
C ILE A 267 -13.97 22.98 -2.86
N THR A 268 -14.73 23.43 -1.87
CA THR A 268 -14.72 22.75 -0.53
C THR A 268 -16.04 22.17 -0.16
N ALA A 269 -17.03 22.54 -0.95
CA ALA A 269 -18.36 22.04 -0.85
C ALA A 269 -18.68 21.53 -2.26
N VAL A 270 -19.43 20.46 -2.29
CA VAL A 270 -19.99 19.86 -3.47
C VAL A 270 -21.25 20.58 -3.90
N PRO A 271 -21.56 20.50 -5.21
CA PRO A 271 -22.74 21.22 -5.64
C PRO A 271 -24.02 20.72 -4.99
N MET A 272 -24.92 21.65 -4.68
CA MET A 272 -26.27 21.27 -4.27
C MET A 272 -27.00 20.45 -5.33
N SER A 273 -27.88 19.58 -4.83
CA SER A 273 -28.64 18.70 -5.67
C SER A 273 -30.05 18.53 -5.13
N GLY A 274 -30.91 18.04 -5.99
CA GLY A 274 -32.29 17.80 -5.67
C GLY A 274 -32.45 16.30 -5.69
N ALA A 275 -33.63 15.89 -6.15
CA ALA A 275 -34.00 14.47 -6.38
C ALA A 275 -33.05 13.73 -7.38
N GLY A 276 -32.74 12.48 -7.06
CA GLY A 276 -31.89 11.64 -7.86
C GLY A 276 -30.43 12.08 -7.80
N ASN A 277 -30.07 12.90 -6.80
CA ASN A 277 -28.72 13.48 -6.69
C ASN A 277 -28.33 14.25 -7.96
N LYS A 278 -29.31 14.83 -8.64
CA LYS A 278 -29.10 15.61 -9.82
C LYS A 278 -28.80 17.04 -9.39
N THR A 279 -27.60 17.53 -9.75
CA THR A 279 -27.21 18.92 -9.55
C THR A 279 -27.68 19.78 -10.73
N PRO A 280 -27.88 21.08 -10.53
CA PRO A 280 -28.45 21.86 -11.63
C PRO A 280 -27.24 22.43 -12.48
N LEU A 281 -26.38 21.51 -12.93
CA LEU A 281 -25.24 21.85 -13.74
C LEU A 281 -25.38 21.06 -15.05
N ALA A 282 -24.98 21.75 -16.09
CA ALA A 282 -25.04 21.24 -17.42
C ALA A 282 -24.08 20.06 -17.60
N PRO A 283 -24.60 18.98 -18.20
CA PRO A 283 -23.69 17.89 -18.56
C PRO A 283 -22.80 18.31 -19.73
N MET A 284 -21.69 17.62 -19.91
CA MET A 284 -20.87 17.77 -21.10
C MET A 284 -21.68 17.50 -22.39
N SER A 285 -21.41 18.25 -23.48
CA SER A 285 -22.06 18.01 -24.75
C SER A 285 -21.67 16.62 -25.25
N ALA A 286 -22.66 15.81 -25.55
CA ALA A 286 -22.41 14.47 -26.06
C ALA A 286 -21.66 14.46 -27.41
N ASP A 287 -21.89 15.48 -28.25
CA ASP A 287 -21.19 15.59 -29.53
C ASP A 287 -19.72 15.84 -29.27
N MET A 288 -19.45 16.70 -28.31
CA MET A 288 -18.08 16.95 -27.95
C MET A 288 -17.40 15.68 -27.49
N VAL A 289 -18.06 14.91 -26.59
CA VAL A 289 -17.45 13.70 -26.07
C VAL A 289 -17.29 12.64 -27.21
N ASP A 290 -18.26 12.54 -28.11
CA ASP A 290 -18.24 11.62 -29.27
C ASP A 290 -17.05 11.97 -30.16
N GLU A 291 -16.82 13.26 -30.37
CA GLU A 291 -15.61 13.65 -31.07
C GLU A 291 -14.34 13.11 -30.44
N TYR A 292 -14.19 13.21 -29.12
CA TYR A 292 -12.91 12.85 -28.51
C TYR A 292 -12.71 11.29 -28.55
N ARG A 293 -13.79 10.59 -28.28
CA ARG A 293 -13.76 9.14 -28.30
C ARG A 293 -13.41 8.60 -29.69
N ALA A 294 -14.01 9.19 -30.73
CA ALA A 294 -13.71 8.77 -32.12
C ALA A 294 -12.23 8.99 -32.44
N ALA A 295 -11.66 10.11 -31.97
CA ALA A 295 -10.27 10.47 -32.19
C ALA A 295 -9.22 9.63 -31.45
N MET A 296 -9.64 8.86 -30.47
CA MET A 296 -8.76 7.98 -29.69
C MET A 296 -8.07 6.86 -30.49
N ASN A 297 -8.63 6.55 -31.67
CA ASN A 297 -8.01 5.80 -32.79
C ASN A 297 -6.65 6.31 -33.30
N ALA A 298 -6.46 7.63 -33.33
CA ALA A 298 -5.22 8.25 -33.72
C ALA A 298 -5.06 9.51 -32.85
N PRO A 299 -4.66 9.31 -31.58
CA PRO A 299 -4.53 10.42 -30.65
C PRO A 299 -3.33 11.30 -30.96
N ASP A 300 -3.48 12.62 -30.82
CA ASP A 300 -2.37 13.52 -30.98
C ASP A 300 -2.44 14.63 -29.95
N GLN A 301 -1.45 15.53 -30.04
CA GLN A 301 -1.38 16.70 -29.18
C GLN A 301 -2.66 17.58 -29.26
N GLY A 302 -3.17 17.79 -30.46
CA GLY A 302 -4.38 18.59 -30.65
C GLY A 302 -5.57 18.04 -29.86
N LEU A 303 -5.81 16.75 -29.99
CA LEU A 303 -6.86 16.06 -29.24
C LEU A 303 -6.67 16.19 -27.75
N TRP A 304 -5.47 15.88 -27.28
CA TRP A 304 -5.14 15.92 -25.88
C TRP A 304 -5.39 17.32 -25.27
N GLN A 305 -4.94 18.36 -25.97
CA GLN A 305 -5.18 19.73 -25.60
C GLN A 305 -6.69 20.05 -25.45
N ARG A 306 -7.51 19.51 -26.34
CA ARG A 306 -8.94 19.80 -26.30
C ARG A 306 -9.61 19.13 -25.13
N ILE A 307 -9.21 17.88 -24.89
CA ILE A 307 -9.72 17.17 -23.74
C ILE A 307 -9.36 17.96 -22.48
N GLU A 308 -8.07 18.32 -22.35
CA GLU A 308 -7.56 19.11 -21.21
C GLU A 308 -8.33 20.45 -21.08
N GLN A 309 -8.55 21.15 -22.20
CA GLN A 309 -9.33 22.38 -22.16
C GLN A 309 -10.75 22.12 -21.63
N SER A 310 -11.37 21.03 -22.08
CA SER A 310 -12.71 20.71 -21.63
C SER A 310 -12.80 20.39 -20.13
N LEU A 311 -11.80 19.70 -19.60
CA LEU A 311 -11.90 19.37 -18.14
C LEU A 311 -11.53 20.61 -17.30
N THR A 312 -10.96 21.63 -17.95
CA THR A 312 -10.77 22.94 -17.30
C THR A 312 -12.05 23.75 -17.26
N LEU A 313 -12.79 23.70 -18.36
CA LEU A 313 -14.07 24.37 -18.44
C LEU A 313 -15.22 23.64 -17.72
N ALA A 314 -15.13 22.32 -17.60
CA ALA A 314 -16.15 21.45 -16.98
C ALA A 314 -15.49 20.64 -15.85
N PRO A 315 -15.36 21.27 -14.66
CA PRO A 315 -14.54 20.70 -13.57
C PRO A 315 -15.05 19.34 -13.05
N TYR A 316 -16.33 19.02 -13.29
CA TYR A 316 -16.89 17.77 -12.73
C TYR A 316 -16.99 16.67 -13.77
N TRP A 317 -16.44 16.92 -14.94
CA TRP A 317 -16.45 15.92 -16.02
C TRP A 317 -15.27 15.00 -15.83
N PHE A 318 -15.40 14.05 -14.92
CA PHE A 318 -14.29 13.18 -14.53
C PHE A 318 -13.92 12.22 -15.65
N GLU A 319 -14.93 11.83 -16.44
CA GLU A 319 -14.73 11.00 -17.60
C GLU A 319 -13.58 11.57 -18.46
N GLY A 320 -13.51 12.90 -18.53
CA GLY A 320 -12.44 13.57 -19.28
C GLY A 320 -11.01 13.32 -18.79
N HIS A 321 -10.83 13.17 -17.50
CA HIS A 321 -9.56 12.77 -16.94
C HIS A 321 -9.14 11.37 -17.40
N ARG A 322 -10.10 10.43 -17.45
CA ARG A 322 -9.86 9.08 -17.92
C ARG A 322 -9.34 9.10 -19.37
N LEU A 323 -10.03 9.87 -20.18
CA LEU A 323 -9.67 10.06 -21.57
C LEU A 323 -8.35 10.72 -21.74
N SER A 324 -8.07 11.70 -20.91
CA SER A 324 -6.78 12.36 -20.95
C SER A 324 -5.68 11.37 -20.64
N ALA A 325 -5.86 10.63 -19.56
CA ALA A 325 -4.87 9.64 -19.19
C ALA A 325 -4.69 8.54 -20.30
N GLU A 326 -5.80 8.09 -20.87
CA GLU A 326 -5.76 7.18 -22.03
C GLU A 326 -4.94 7.75 -23.23
N VAL A 327 -5.12 9.01 -23.61
CA VAL A 327 -4.27 9.67 -24.63
C VAL A 327 -2.80 9.70 -24.17
N ALA A 328 -2.58 10.11 -22.93
CA ALA A 328 -1.23 10.10 -22.37
C ALA A 328 -0.57 8.72 -22.58
N GLU A 329 -1.25 7.68 -22.10
CA GLU A 329 -0.77 6.30 -22.24
C GLU A 329 -0.39 5.98 -23.70
N LYS A 330 -1.33 6.29 -24.58
CA LYS A 330 -1.22 5.95 -26.00
C LYS A 330 -0.13 6.67 -26.70
N LEU A 331 0.16 7.88 -26.27
CA LEU A 331 1.27 8.68 -26.80
C LEU A 331 2.60 8.40 -26.11
N GLY A 332 2.61 7.46 -25.15
CA GLY A 332 3.83 7.01 -24.44
C GLY A 332 4.24 7.81 -23.21
N PHE A 333 3.31 8.58 -22.68
CA PHE A 333 3.57 9.38 -21.51
C PHE A 333 2.94 8.78 -20.23
N GLY A 334 3.54 7.67 -19.79
CA GLY A 334 3.03 6.90 -18.67
C GLY A 334 3.00 7.61 -17.32
N ALA A 335 4.06 8.32 -16.99
CA ALA A 335 4.13 9.10 -15.76
C ALA A 335 2.98 10.13 -15.69
N VAL A 336 2.71 10.80 -16.80
CA VAL A 336 1.59 11.77 -16.87
C VAL A 336 0.25 11.08 -16.67
N ALA A 337 0.04 9.97 -17.38
CA ALA A 337 -1.20 9.15 -17.22
C ALA A 337 -1.41 8.80 -15.76
N GLN A 338 -0.37 8.31 -15.11
CA GLN A 338 -0.43 8.00 -13.69
C GLN A 338 -0.78 9.23 -12.81
N ALA A 339 -0.13 10.35 -13.05
CA ALA A 339 -0.35 11.57 -12.29
C ALA A 339 -1.81 12.02 -12.44
N ILE A 340 -2.38 11.83 -13.64
CA ILE A 340 -3.80 12.27 -13.89
C ILE A 340 -4.72 11.43 -13.01
N ALA A 341 -4.45 10.13 -12.96
CA ALA A 341 -5.20 9.23 -12.06
C ALA A 341 -5.03 9.61 -10.58
N GLU A 342 -3.81 9.86 -10.14
CA GLU A 342 -3.54 10.22 -8.73
C GLU A 342 -4.26 11.50 -8.28
N GLU A 343 -4.26 12.47 -9.17
CA GLU A 343 -4.83 13.80 -8.86
C GLU A 343 -6.34 13.70 -8.78
N LEU A 344 -6.96 12.92 -9.66
CA LEU A 344 -8.39 12.77 -9.54
C LEU A 344 -8.76 11.96 -8.26
N GLY A 345 -8.02 10.88 -7.95
CA GLY A 345 -8.29 10.10 -6.75
C GLY A 345 -8.13 10.91 -5.50
N THR A 346 -7.15 11.80 -5.49
CA THR A 346 -6.91 12.77 -4.41
C THR A 346 -8.07 13.76 -4.21
N PHE A 347 -8.56 14.30 -5.29
CA PHE A 347 -9.69 15.19 -5.25
C PHE A 347 -10.89 14.42 -4.71
N LEU A 348 -11.11 13.18 -5.19
CA LEU A 348 -12.25 12.41 -4.78
C LEU A 348 -12.13 11.99 -3.30
N GLN A 349 -10.91 11.78 -2.81
CA GLN A 349 -10.69 11.49 -1.37
C GLN A 349 -11.09 12.68 -0.44
N ARG A 350 -10.78 13.89 -0.88
CA ARG A 350 -11.12 15.11 -0.20
C ARG A 350 -12.65 15.33 -0.24
N LEU A 351 -13.28 15.11 -1.40
CA LEU A 351 -14.77 15.26 -1.54
C LEU A 351 -15.50 14.02 -2.02
N PRO A 352 -15.59 12.98 -1.17
CA PRO A 352 -16.24 11.71 -1.61
C PRO A 352 -17.68 11.80 -2.06
N ALA A 353 -18.47 12.75 -1.60
CA ALA A 353 -19.87 12.84 -2.10
C ALA A 353 -19.94 13.14 -3.60
N LEU A 354 -18.86 13.66 -4.21
CA LEU A 354 -18.82 13.87 -5.68
C LEU A 354 -18.98 12.57 -6.47
N ARG A 355 -18.64 11.44 -5.83
CA ARG A 355 -18.85 10.09 -6.41
C ARG A 355 -20.30 9.75 -6.60
N GLU A 356 -21.22 10.42 -5.87
CA GLU A 356 -22.63 10.08 -5.88
C GLU A 356 -23.50 11.09 -6.64
N LEU A 357 -22.88 12.13 -7.19
CA LEU A 357 -23.66 13.17 -7.86
C LEU A 357 -23.74 13.01 -9.37
N ALA A 358 -24.76 13.65 -9.93
CA ALA A 358 -25.01 13.67 -11.36
C ALA A 358 -25.21 15.08 -11.84
N PHE A 359 -25.05 15.24 -13.11
CA PHE A 359 -25.44 16.48 -13.81
C PHE A 359 -26.96 16.56 -13.98
N SER A 360 -27.45 17.62 -14.57
CA SER A 360 -28.91 17.93 -14.62
C SER A 360 -29.76 16.94 -15.40
N ASP A 361 -29.18 16.24 -16.35
CA ASP A 361 -29.82 15.15 -17.13
C ASP A 361 -29.65 13.79 -16.48
N GLY A 362 -29.08 13.72 -15.29
CA GLY A 362 -28.87 12.42 -14.64
C GLY A 362 -27.57 11.72 -14.97
N SER A 363 -26.75 12.26 -15.87
CA SER A 363 -25.48 11.58 -16.18
C SER A 363 -24.58 11.75 -14.96
N PRO A 364 -23.85 10.69 -14.52
CA PRO A 364 -23.01 10.80 -13.34
C PRO A 364 -21.72 11.64 -13.53
N PHE A 365 -21.34 12.39 -12.52
CA PHE A 365 -20.00 13.00 -12.49
C PHE A 365 -18.90 11.92 -12.71
N LEU A 366 -19.06 10.80 -12.01
CA LEU A 366 -18.11 9.70 -12.06
C LEU A 366 -18.79 8.49 -12.73
N SER A 367 -18.46 8.19 -13.96
CA SER A 367 -18.96 6.95 -14.60
C SER A 367 -18.37 5.68 -13.93
N PRO A 368 -19.11 4.52 -14.01
CA PRO A 368 -18.49 3.26 -13.57
C PRO A 368 -17.18 2.97 -14.32
N GLU A 369 -17.06 3.33 -15.58
CA GLU A 369 -15.80 3.15 -16.31
C GLU A 369 -14.65 3.98 -15.73
N CYS A 370 -14.95 5.25 -15.45
CA CYS A 370 -13.97 6.10 -14.76
C CYS A 370 -13.64 5.51 -13.38
N SER A 371 -14.66 5.07 -12.67
CA SER A 371 -14.48 4.47 -11.34
C SER A 371 -13.57 3.26 -11.41
N ARG A 372 -13.76 2.40 -12.41
CA ARG A 372 -12.91 1.19 -12.56
C ARG A 372 -11.47 1.50 -12.86
N TRP A 373 -11.27 2.53 -13.70
CA TRP A 373 -9.93 2.99 -14.08
C TRP A 373 -9.22 3.44 -12.83
N LEU A 374 -9.88 4.20 -11.94
CA LEU A 374 -9.22 4.66 -10.70
C LEU A 374 -8.85 3.50 -9.78
N LEU A 375 -9.72 2.48 -9.72
CA LEU A 375 -9.47 1.31 -8.90
C LEU A 375 -8.30 0.54 -9.43
N GLU A 376 -8.22 0.37 -10.74
CA GLU A 376 -7.03 -0.23 -11.37
C GLU A 376 -5.78 0.60 -11.11
N ASP B 231 -13.71 1.61 11.02
CA ASP B 231 -14.14 0.18 11.15
C ASP B 231 -14.35 -0.43 9.78
N ARG B 232 -15.11 0.25 8.91
CA ARG B 232 -15.21 -0.13 7.49
C ARG B 232 -13.90 0.09 6.77
N ALA B 233 -13.17 1.15 7.12
CA ALA B 233 -11.90 1.44 6.47
C ALA B 233 -10.83 0.35 6.79
N TRP B 234 -10.93 -0.18 8.02
CA TRP B 234 -10.04 -1.21 8.52
C TRP B 234 -10.31 -2.50 7.72
N ARG B 235 -11.57 -2.92 7.64
CA ARG B 235 -12.00 -4.00 6.71
C ARG B 235 -11.40 -3.84 5.31
N GLN B 236 -11.52 -2.64 4.74
CA GLN B 236 -11.03 -2.36 3.38
C GLN B 236 -9.53 -2.51 3.25
N THR B 237 -8.80 -2.02 4.25
CA THR B 237 -7.33 -2.12 4.25
C THR B 237 -6.93 -3.61 4.34
N GLN B 238 -7.59 -4.40 5.19
CA GLN B 238 -7.33 -5.85 5.28
C GLN B 238 -7.56 -6.55 3.93
N LEU B 239 -8.65 -6.24 3.24
CA LEU B 239 -8.92 -6.78 1.90
C LEU B 239 -7.87 -6.43 0.83
N LYS B 240 -7.41 -5.18 0.82
CA LYS B 240 -6.46 -4.75 -0.13
C LYS B 240 -5.15 -5.42 0.16
N VAL B 241 -4.82 -5.57 1.44
CA VAL B 241 -3.54 -6.23 1.78
C VAL B 241 -3.63 -7.71 1.38
N ALA B 242 -4.76 -8.32 1.65
CA ALA B 242 -5.01 -9.70 1.25
C ALA B 242 -4.84 -9.88 -0.24
N GLU B 243 -5.43 -8.97 -1.02
CA GLU B 243 -5.35 -9.06 -2.45
C GLU B 243 -3.95 -8.98 -3.00
N LEU B 244 -3.14 -8.05 -2.50
CA LEU B 244 -1.77 -7.94 -2.98
C LEU B 244 -0.94 -9.23 -2.58
N LEU B 245 -1.20 -9.80 -1.39
CA LEU B 245 -0.51 -11.03 -0.91
C LEU B 245 -0.83 -12.26 -1.73
N ILE B 246 -2.10 -12.33 -2.14
CA ILE B 246 -2.55 -13.36 -3.05
C ILE B 246 -2.08 -13.17 -4.48
N GLU B 247 -2.19 -11.96 -5.03
CA GLU B 247 -1.58 -11.67 -6.36
C GLU B 247 -0.04 -11.97 -6.48
N ARG B 248 0.72 -11.65 -5.46
CA ARG B 248 2.17 -11.89 -5.47
C ARG B 248 2.53 -13.36 -5.31
N GLN B 249 1.80 -14.06 -4.45
CA GLN B 249 2.15 -15.40 -4.13
C GLN B 249 0.87 -16.20 -3.95
N PRO B 250 0.28 -16.65 -5.08
CA PRO B 250 -0.99 -17.37 -4.99
C PRO B 250 -0.92 -18.68 -4.20
N GLU B 251 0.29 -19.24 -4.09
CA GLU B 251 0.56 -20.47 -3.35
C GLU B 251 0.74 -20.31 -1.84
N VAL B 252 0.74 -19.07 -1.33
CA VAL B 252 1.03 -18.79 0.07
C VAL B 252 -0.30 -18.52 0.77
N ALA B 253 -0.52 -19.21 1.89
CA ALA B 253 -1.79 -19.19 2.62
C ALA B 253 -2.18 -17.82 3.23
N VAL B 254 -1.20 -17.05 3.74
CA VAL B 254 -1.53 -15.95 4.66
C VAL B 254 -2.54 -14.94 4.07
N GLY B 255 -2.41 -14.58 2.79
CA GLY B 255 -3.35 -13.65 2.18
C GLY B 255 -4.79 -14.15 2.24
N TYR B 256 -4.95 -15.46 2.02
CA TYR B 256 -6.29 -16.04 2.02
C TYR B 256 -6.85 -15.95 3.43
N ARG B 257 -6.00 -16.22 4.43
CA ARG B 257 -6.36 -16.09 5.82
C ARG B 257 -6.80 -14.67 6.21
N LEU B 258 -5.98 -13.71 5.81
CA LEU B 258 -6.28 -12.30 6.05
C LEU B 258 -7.65 -11.86 5.44
N ARG B 259 -7.99 -12.36 4.29
CA ARG B 259 -9.31 -12.09 3.70
C ARG B 259 -10.44 -12.60 4.59
N ARG B 260 -10.27 -13.80 5.15
CA ARG B 260 -11.29 -14.32 6.00
C ARG B 260 -11.45 -13.50 7.23
N HIS B 261 -10.33 -12.99 7.75
CA HIS B 261 -10.41 -12.06 8.88
C HIS B 261 -11.18 -10.77 8.51
N ALA B 262 -10.88 -10.17 7.36
CA ALA B 262 -11.59 -8.99 6.91
C ALA B 262 -13.12 -9.18 6.76
N VAL B 263 -13.53 -10.38 6.33
CA VAL B 263 -14.92 -10.65 6.03
C VAL B 263 -15.67 -11.05 7.29
N TRP B 264 -15.02 -11.78 8.19
CA TRP B 264 -15.71 -12.43 9.26
C TRP B 264 -15.48 -11.84 10.64
N ALA B 265 -14.37 -11.13 10.87
CA ALA B 265 -13.97 -10.79 12.27
C ALA B 265 -14.97 -9.85 12.96
N GLY B 266 -15.59 -8.99 12.17
CA GLY B 266 -16.68 -8.11 12.66
C GLY B 266 -18.01 -8.79 12.98
N ILE B 267 -18.16 -10.09 12.68
CA ILE B 267 -19.37 -10.83 12.98
C ILE B 267 -19.23 -11.54 14.31
N THR B 268 -20.07 -11.12 15.26
CA THR B 268 -20.06 -11.69 16.60
C THR B 268 -21.34 -12.35 17.02
N ALA B 269 -22.43 -12.12 16.32
CA ALA B 269 -23.63 -12.94 16.52
C ALA B 269 -24.14 -13.38 15.15
N VAL B 270 -24.99 -14.38 15.14
CA VAL B 270 -25.47 -14.95 13.92
C VAL B 270 -26.63 -14.11 13.35
N PRO B 271 -26.94 -14.31 12.07
CA PRO B 271 -28.10 -13.52 11.60
C PRO B 271 -29.36 -13.98 12.27
N MET B 272 -30.25 -13.01 12.49
CA MET B 272 -31.57 -13.34 12.97
C MET B 272 -32.34 -14.25 11.99
N SER B 273 -33.18 -15.11 12.54
CA SER B 273 -34.00 -15.97 11.74
C SER B 273 -35.34 -16.22 12.36
N GLY B 274 -36.21 -16.65 11.47
CA GLY B 274 -37.57 -17.01 11.82
C GLY B 274 -37.75 -18.48 11.64
N ALA B 275 -38.85 -18.83 10.98
CA ALA B 275 -39.34 -20.22 10.85
C ALA B 275 -38.41 -21.00 9.94
N GLY B 276 -38.04 -22.20 10.35
CA GLY B 276 -37.18 -23.09 9.58
C GLY B 276 -35.74 -22.62 9.56
N ASN B 277 -35.38 -21.82 10.56
CA ASN B 277 -34.05 -21.24 10.67
C ASN B 277 -33.66 -20.47 9.40
N LYS B 278 -34.63 -19.86 8.74
CA LYS B 278 -34.42 -19.12 7.52
C LYS B 278 -34.16 -17.68 7.90
N THR B 279 -33.01 -17.20 7.51
CA THR B 279 -32.63 -15.82 7.72
C THR B 279 -33.16 -15.00 6.54
N PRO B 280 -33.38 -13.68 6.71
CA PRO B 280 -33.88 -12.83 5.64
C PRO B 280 -32.66 -12.27 4.81
N LEU B 281 -31.76 -13.19 4.40
CA LEU B 281 -30.55 -12.87 3.61
C LEU B 281 -30.66 -13.56 2.28
N ALA B 282 -30.29 -12.89 1.22
CA ALA B 282 -30.41 -13.43 -0.11
C ALA B 282 -29.47 -14.65 -0.28
N PRO B 283 -29.99 -15.70 -0.95
CA PRO B 283 -29.08 -16.78 -1.35
C PRO B 283 -28.16 -16.36 -2.46
N MET B 284 -27.07 -17.07 -2.63
CA MET B 284 -26.26 -16.96 -3.84
C MET B 284 -27.07 -17.27 -5.06
N SER B 285 -26.85 -16.49 -6.11
CA SER B 285 -27.43 -16.74 -7.42
C SER B 285 -27.08 -18.13 -7.88
N ALA B 286 -28.07 -18.93 -8.20
CA ALA B 286 -27.84 -20.27 -8.71
C ALA B 286 -27.02 -20.25 -10.03
N ASP B 287 -27.36 -19.31 -10.90
CA ASP B 287 -26.66 -19.20 -12.19
C ASP B 287 -25.22 -18.93 -11.98
N MET B 288 -24.93 -18.08 -11.01
CA MET B 288 -23.56 -17.76 -10.72
C MET B 288 -22.82 -19.00 -10.19
N VAL B 289 -23.45 -19.75 -9.27
CA VAL B 289 -22.86 -20.96 -8.73
C VAL B 289 -22.70 -22.08 -9.81
N ASP B 290 -23.66 -22.15 -10.73
CA ASP B 290 -23.58 -23.07 -11.91
C ASP B 290 -22.35 -22.80 -12.77
N GLU B 291 -22.07 -21.52 -12.99
CA GLU B 291 -20.93 -21.11 -13.78
C GLU B 291 -19.59 -21.60 -13.13
N TYR B 292 -19.47 -21.46 -11.81
CA TYR B 292 -18.28 -21.93 -11.07
C TYR B 292 -18.16 -23.48 -11.13
N ARG B 293 -19.26 -24.19 -10.93
CA ARG B 293 -19.23 -25.63 -10.97
C ARG B 293 -18.86 -26.11 -12.37
N ALA B 294 -19.44 -25.51 -13.39
CA ALA B 294 -19.08 -25.89 -14.77
C ALA B 294 -17.62 -25.70 -15.12
N ALA B 295 -17.01 -24.61 -14.63
CA ALA B 295 -15.65 -24.27 -14.89
C ALA B 295 -14.61 -25.09 -14.09
N MET B 296 -15.07 -25.92 -13.13
CA MET B 296 -14.19 -26.75 -12.27
C MET B 296 -13.44 -27.83 -13.07
N ASN B 297 -14.05 -28.26 -14.18
CA ASN B 297 -13.36 -29.13 -15.15
C ASN B 297 -12.13 -28.50 -15.85
N ALA B 298 -11.96 -27.18 -15.81
CA ALA B 298 -10.75 -26.55 -16.31
C ALA B 298 -10.48 -25.23 -15.56
N PRO B 299 -9.97 -25.34 -14.32
CA PRO B 299 -9.91 -24.22 -13.44
C PRO B 299 -8.70 -23.39 -13.71
N ASP B 300 -8.81 -22.10 -13.45
CA ASP B 300 -7.72 -21.23 -13.64
C ASP B 300 -7.82 -20.18 -12.60
N GLN B 301 -6.88 -19.26 -12.68
CA GLN B 301 -6.79 -18.19 -11.72
C GLN B 301 -8.03 -17.24 -11.81
N GLY B 302 -8.50 -16.97 -13.02
CA GLY B 302 -9.73 -16.18 -13.26
C GLY B 302 -10.96 -16.73 -12.51
N LEU B 303 -11.19 -18.03 -12.68
CA LEU B 303 -12.21 -18.74 -11.93
C LEU B 303 -12.04 -18.59 -10.44
N TRP B 304 -10.82 -18.84 -9.98
CA TRP B 304 -10.53 -18.84 -8.57
C TRP B 304 -10.78 -17.45 -7.95
N GLN B 305 -10.36 -16.40 -8.67
CA GLN B 305 -10.57 -15.02 -8.28
C GLN B 305 -12.07 -14.64 -8.15
N ARG B 306 -12.88 -15.21 -9.02
CA ARG B 306 -14.31 -14.92 -9.02
C ARG B 306 -14.96 -15.59 -7.86
N ILE B 307 -14.63 -16.86 -7.62
CA ILE B 307 -15.13 -17.56 -6.43
C ILE B 307 -14.75 -16.81 -5.13
N GLU B 308 -13.47 -16.48 -5.00
CA GLU B 308 -12.97 -15.68 -3.87
C GLU B 308 -13.73 -14.35 -3.75
N GLN B 309 -13.98 -13.65 -4.87
CA GLN B 309 -14.75 -12.39 -4.84
C GLN B 309 -16.18 -12.66 -4.29
N SER B 310 -16.82 -13.72 -4.74
CA SER B 310 -18.16 -14.03 -4.31
C SER B 310 -18.22 -14.30 -2.79
N LEU B 311 -17.27 -15.05 -2.25
CA LEU B 311 -17.31 -15.37 -0.83
C LEU B 311 -16.96 -14.14 0.07
N THR B 312 -16.35 -13.13 -0.58
CA THR B 312 -16.10 -11.82 0.03
C THR B 312 -17.39 -11.02 0.08
N LEU B 313 -18.18 -11.10 -1.00
CA LEU B 313 -19.51 -10.43 -1.07
C LEU B 313 -20.62 -11.13 -0.31
N ALA B 314 -20.50 -12.46 -0.17
CA ALA B 314 -21.50 -13.34 0.46
C ALA B 314 -20.85 -14.12 1.61
N PRO B 315 -20.83 -13.53 2.82
CA PRO B 315 -19.99 -14.13 3.90
C PRO B 315 -20.43 -15.49 4.34
N TYR B 316 -21.70 -15.83 4.10
CA TYR B 316 -22.28 -17.03 4.63
C TYR B 316 -22.34 -18.11 3.61
N TRP B 317 -21.84 -17.83 2.40
CA TRP B 317 -21.84 -18.79 1.27
C TRP B 317 -20.65 -19.76 1.44
N PHE B 318 -20.82 -20.68 2.36
CA PHE B 318 -19.75 -21.54 2.78
C PHE B 318 -19.39 -22.50 1.66
N GLU B 319 -20.37 -22.80 0.78
CA GLU B 319 -20.05 -23.63 -0.35
C GLU B 319 -18.91 -23.03 -1.22
N GLY B 320 -18.84 -21.72 -1.29
CA GLY B 320 -17.75 -21.08 -1.97
C GLY B 320 -16.36 -21.40 -1.46
N HIS B 321 -16.20 -21.56 -0.17
CA HIS B 321 -14.95 -21.93 0.40
C HIS B 321 -14.54 -23.37 -0.10
N ARG B 322 -15.55 -24.27 -0.18
CA ARG B 322 -15.30 -25.62 -0.67
C ARG B 322 -14.82 -25.52 -2.12
N LEU B 323 -15.55 -24.74 -2.94
CA LEU B 323 -15.15 -24.60 -4.33
C LEU B 323 -13.76 -24.00 -4.43
N SER B 324 -13.48 -22.96 -3.65
CA SER B 324 -12.17 -22.31 -3.69
C SER B 324 -11.03 -23.31 -3.33
N ALA B 325 -11.22 -24.10 -2.29
CA ALA B 325 -10.20 -25.08 -1.92
C ALA B 325 -10.04 -26.17 -2.99
N GLU B 326 -11.12 -26.62 -3.58
CA GLU B 326 -11.04 -27.52 -4.75
C GLU B 326 -10.23 -26.96 -5.92
N VAL B 327 -10.47 -25.70 -6.30
CA VAL B 327 -9.62 -25.02 -7.30
C VAL B 327 -8.16 -25.04 -6.85
N ALA B 328 -7.93 -24.69 -5.58
CA ALA B 328 -6.59 -24.59 -5.09
C ALA B 328 -5.89 -25.96 -5.28
N GLU B 329 -6.59 -27.01 -4.88
CA GLU B 329 -6.05 -28.37 -4.92
C GLU B 329 -5.74 -28.80 -6.35
N LYS B 330 -6.68 -28.51 -7.23
CA LYS B 330 -6.54 -28.82 -8.64
C LYS B 330 -5.43 -28.05 -9.34
N LEU B 331 -5.13 -26.84 -8.89
CA LEU B 331 -4.00 -26.08 -9.39
C LEU B 331 -2.69 -26.39 -8.65
N GLY B 332 -2.70 -27.34 -7.71
CA GLY B 332 -1.53 -27.81 -7.01
C GLY B 332 -1.18 -26.96 -5.81
N PHE B 333 -2.13 -26.21 -5.27
CA PHE B 333 -1.83 -25.34 -4.16
C PHE B 333 -2.46 -25.94 -2.88
N GLY B 334 -1.86 -27.05 -2.46
CA GLY B 334 -2.31 -27.83 -1.32
C GLY B 334 -2.29 -27.10 0.03
N ALA B 335 -1.25 -26.33 0.29
CA ALA B 335 -1.20 -25.58 1.52
C ALA B 335 -2.37 -24.56 1.57
N VAL B 336 -2.62 -23.89 0.43
CA VAL B 336 -3.73 -22.93 0.42
C VAL B 336 -5.07 -23.66 0.65
N ALA B 337 -5.24 -24.84 0.03
CA ALA B 337 -6.49 -25.62 0.23
C ALA B 337 -6.68 -25.92 1.68
N GLN B 338 -5.61 -26.38 2.31
CA GLN B 338 -5.70 -26.76 3.69
C GLN B 338 -6.10 -25.55 4.55
N ALA B 339 -5.44 -24.43 4.33
CA ALA B 339 -5.69 -23.19 5.06
C ALA B 339 -7.17 -22.75 4.91
N ILE B 340 -7.72 -22.88 3.69
CA ILE B 340 -9.14 -22.45 3.48
C ILE B 340 -10.10 -23.30 4.33
N ALA B 341 -9.87 -24.63 4.36
CA ALA B 341 -10.59 -25.50 5.25
C ALA B 341 -10.43 -25.12 6.73
N GLU B 342 -9.20 -24.80 7.15
CA GLU B 342 -8.91 -24.47 8.55
C GLU B 342 -9.65 -23.20 9.01
N GLU B 343 -9.60 -22.22 8.15
CA GLU B 343 -10.18 -20.90 8.45
C GLU B 343 -11.70 -20.98 8.51
N LEU B 344 -12.33 -21.74 7.64
CA LEU B 344 -13.78 -21.94 7.81
C LEU B 344 -14.13 -22.75 9.06
N GLY B 345 -13.39 -23.82 9.34
CA GLY B 345 -13.62 -24.59 10.56
C GLY B 345 -13.44 -23.78 11.83
N THR B 346 -12.44 -22.89 11.84
CA THR B 346 -12.22 -21.97 12.97
C THR B 346 -13.43 -21.02 13.20
N PHE B 347 -13.94 -20.46 12.10
CA PHE B 347 -15.08 -19.57 12.14
C PHE B 347 -16.29 -20.32 12.70
N LEU B 348 -16.51 -21.53 12.23
CA LEU B 348 -17.66 -22.33 12.58
C LEU B 348 -17.56 -22.79 14.05
N GLN B 349 -16.32 -22.93 14.53
CA GLN B 349 -16.07 -23.20 15.93
C GLN B 349 -16.46 -22.04 16.88
N ARG B 350 -16.07 -20.83 16.51
CA ARG B 350 -16.48 -19.58 17.11
C ARG B 350 -18.01 -19.40 17.07
N LEU B 351 -18.64 -19.64 15.91
CA LEU B 351 -20.10 -19.45 15.76
C LEU B 351 -20.85 -20.66 15.24
N PRO B 352 -20.93 -21.73 16.08
CA PRO B 352 -21.52 -23.01 15.68
C PRO B 352 -22.97 -22.94 15.29
N ALA B 353 -23.70 -21.92 15.73
CA ALA B 353 -25.06 -21.72 15.28
C ALA B 353 -25.19 -21.51 13.75
N LEU B 354 -24.12 -21.05 13.11
CA LEU B 354 -24.09 -20.89 11.66
C LEU B 354 -24.30 -22.20 10.94
N ARG B 355 -23.92 -23.30 11.56
CA ARG B 355 -24.21 -24.62 10.93
C ARG B 355 -25.66 -24.93 10.71
N GLU B 356 -26.56 -24.27 11.42
CA GLU B 356 -27.97 -24.58 11.44
C GLU B 356 -28.83 -23.60 10.69
N LEU B 357 -28.27 -22.53 10.15
CA LEU B 357 -29.08 -21.52 9.47
C LEU B 357 -29.17 -21.71 7.99
N ALA B 358 -30.18 -21.06 7.38
CA ALA B 358 -30.40 -21.07 5.92
C ALA B 358 -30.59 -19.66 5.46
N PHE B 359 -30.38 -19.45 4.17
CA PHE B 359 -30.77 -18.21 3.50
C PHE B 359 -32.29 -18.14 3.36
N SER B 360 -32.80 -17.10 2.76
CA SER B 360 -34.25 -16.82 2.70
C SER B 360 -35.13 -17.86 2.00
N ASP B 361 -34.53 -18.61 1.07
CA ASP B 361 -35.20 -19.69 0.29
C ASP B 361 -35.01 -21.05 0.96
N GLY B 362 -34.47 -21.11 2.16
CA GLY B 362 -34.23 -22.39 2.83
C GLY B 362 -32.95 -23.08 2.42
N SER B 363 -32.14 -22.50 1.49
CA SER B 363 -30.86 -23.16 1.13
C SER B 363 -29.89 -23.01 2.32
N PRO B 364 -29.20 -24.08 2.77
CA PRO B 364 -28.33 -23.96 3.93
C PRO B 364 -27.07 -23.09 3.76
N PHE B 365 -26.67 -22.44 4.85
CA PHE B 365 -25.35 -21.77 4.87
C PHE B 365 -24.30 -22.86 4.63
N LEU B 366 -24.38 -23.91 5.39
CA LEU B 366 -23.43 -25.03 5.28
C LEU B 366 -24.14 -26.27 4.64
N SER B 367 -23.86 -26.56 3.37
CA SER B 367 -24.38 -27.79 2.70
C SER B 367 -23.81 -29.08 3.36
N PRO B 368 -24.52 -30.24 3.17
CA PRO B 368 -23.91 -31.49 3.58
C PRO B 368 -22.55 -31.80 2.92
N GLU B 369 -22.33 -31.44 1.66
CA GLU B 369 -21.04 -31.68 1.03
C GLU B 369 -19.97 -30.81 1.66
N CYS B 370 -20.31 -29.54 1.92
CA CYS B 370 -19.33 -28.66 2.57
C CYS B 370 -18.98 -29.22 3.96
N SER B 371 -20.00 -29.69 4.66
CA SER B 371 -19.83 -30.25 5.98
C SER B 371 -18.93 -31.49 5.92
N ARG B 372 -19.17 -32.37 4.95
CA ARG B 372 -18.31 -33.57 4.77
C ARG B 372 -16.88 -33.24 4.46
N TRP B 373 -16.67 -32.20 3.63
CA TRP B 373 -15.33 -31.74 3.25
C TRP B 373 -14.62 -31.29 4.48
N LEU B 374 -15.28 -30.51 5.33
CA LEU B 374 -14.66 -30.05 6.58
C LEU B 374 -14.26 -31.19 7.48
N LEU B 375 -15.10 -32.22 7.57
CA LEU B 375 -14.79 -33.42 8.32
C LEU B 375 -13.68 -34.21 7.68
N GLU B 376 -13.70 -34.33 6.34
CA GLU B 376 -12.81 -35.22 5.59
C GLU B 376 -11.44 -34.62 5.38
N ASP C 231 9.15 -3.48 -2.38
CA ASP C 231 9.36 -4.67 -1.45
C ASP C 231 9.64 -4.23 -0.02
N ARG C 232 10.52 -3.25 0.15
CA ARG C 232 10.79 -2.75 1.51
C ARG C 232 9.60 -2.01 2.12
N ALA C 233 8.88 -1.24 1.32
CA ALA C 233 7.68 -0.55 1.80
C ALA C 233 6.53 -1.54 2.04
N TRP C 234 6.44 -2.51 1.16
CA TRP C 234 5.48 -3.61 1.28
C TRP C 234 5.66 -4.33 2.63
N ARG C 235 6.91 -4.64 2.97
CA ARG C 235 7.25 -5.23 4.26
C ARG C 235 6.76 -4.40 5.42
N GLN C 236 6.95 -3.09 5.30
CA GLN C 236 6.52 -2.18 6.35
C GLN C 236 5.01 -2.08 6.39
N THR C 237 4.34 -2.06 5.24
CA THR C 237 2.86 -2.11 5.23
C THR C 237 2.38 -3.36 6.01
N GLN C 238 2.96 -4.52 5.70
CA GLN C 238 2.52 -5.78 6.37
C GLN C 238 2.75 -5.75 7.90
N LEU C 239 3.90 -5.24 8.34
CA LEU C 239 4.22 -5.15 9.75
C LEU C 239 3.26 -4.21 10.50
N LYS C 240 2.92 -3.10 9.87
CA LYS C 240 1.98 -2.14 10.52
C LYS C 240 0.57 -2.78 10.62
N VAL C 241 0.12 -3.42 9.55
CA VAL C 241 -1.18 -4.13 9.60
C VAL C 241 -1.13 -5.28 10.66
N ALA C 242 -0.06 -6.05 10.66
CA ALA C 242 0.12 -7.09 11.67
C ALA C 242 0.03 -6.51 13.08
N GLU C 243 0.74 -5.42 13.37
CA GLU C 243 0.69 -4.80 14.73
C GLU C 243 -0.71 -4.48 15.26
N LEU C 244 -1.48 -3.81 14.41
CA LEU C 244 -2.92 -3.47 14.62
C LEU C 244 -3.83 -4.68 14.87
N LEU C 245 -3.66 -5.75 14.08
CA LEU C 245 -4.42 -6.98 14.33
C LEU C 245 -4.08 -7.59 15.68
N ILE C 246 -2.78 -7.62 16.01
CA ILE C 246 -2.32 -8.24 17.27
C ILE C 246 -2.78 -7.39 18.47
N GLU C 247 -2.61 -6.09 18.34
CA GLU C 247 -3.09 -5.12 19.33
C GLU C 247 -4.57 -5.25 19.55
N ARG C 248 -5.36 -5.13 18.47
CA ARG C 248 -6.84 -5.32 18.54
C ARG C 248 -7.31 -6.67 19.11
N GLN C 249 -6.64 -7.77 18.75
CA GLN C 249 -7.07 -9.12 19.09
C GLN C 249 -5.85 -10.00 19.31
N PRO C 250 -5.24 -9.93 20.52
CA PRO C 250 -4.10 -10.75 20.88
C PRO C 250 -4.31 -12.25 20.79
N GLU C 251 -5.57 -12.66 20.89
CA GLU C 251 -5.94 -14.06 20.90
C GLU C 251 -6.12 -14.70 19.51
N VAL C 252 -6.01 -13.88 18.45
CA VAL C 252 -6.31 -14.30 17.09
C VAL C 252 -5.01 -14.42 16.29
N ALA C 253 -4.91 -15.49 15.53
CA ALA C 253 -3.65 -15.92 14.97
C ALA C 253 -3.19 -15.07 13.85
N VAL C 254 -4.13 -14.54 13.03
CA VAL C 254 -3.71 -14.04 11.73
C VAL C 254 -2.68 -12.88 11.73
N GLY C 255 -2.74 -11.98 12.72
CA GLY C 255 -1.80 -10.85 12.86
C GLY C 255 -0.39 -11.36 13.10
N TYR C 256 -0.28 -12.42 13.87
CA TYR C 256 0.99 -13.05 14.12
C TYR C 256 1.52 -13.72 12.83
N ARG C 257 0.63 -14.33 12.05
CA ARG C 257 1.04 -14.95 10.79
C ARG C 257 1.48 -13.91 9.80
N LEU C 258 0.78 -12.77 9.77
CA LEU C 258 1.16 -11.75 8.79
C LEU C 258 2.57 -11.19 9.15
N ARG C 259 2.88 -11.15 10.40
CA ARG C 259 4.22 -10.67 10.83
C ARG C 259 5.30 -11.57 10.34
N ARG C 260 5.05 -12.88 10.41
CA ARG C 260 6.04 -13.81 9.94
C ARG C 260 6.27 -13.68 8.43
N HIS C 261 5.19 -13.47 7.68
CA HIS C 261 5.33 -13.27 6.28
C HIS C 261 6.25 -12.02 6.01
N ALA C 262 5.97 -10.94 6.73
CA ALA C 262 6.67 -9.64 6.48
C ALA C 262 8.14 -9.81 6.76
N VAL C 263 8.47 -10.61 7.78
CA VAL C 263 9.86 -10.73 8.20
C VAL C 263 10.62 -11.73 7.33
N TRP C 264 9.97 -12.82 6.95
CA TRP C 264 10.63 -13.88 6.24
C TRP C 264 10.47 -14.00 4.71
N ALA C 265 9.41 -13.42 4.11
CA ALA C 265 9.07 -13.80 2.75
C ALA C 265 10.01 -13.23 1.69
N GLY C 266 10.72 -12.18 1.97
CA GLY C 266 11.82 -11.75 1.11
C GLY C 266 13.09 -12.54 1.26
N ILE C 267 13.17 -13.48 2.21
CA ILE C 267 14.36 -14.31 2.30
C ILE C 267 14.20 -15.48 1.35
N THR C 268 15.03 -15.57 0.29
CA THR C 268 14.95 -16.72 -0.64
C THR C 268 16.14 -17.67 -0.65
N ALA C 269 17.25 -17.23 -0.06
CA ALA C 269 18.45 -18.03 0.01
C ALA C 269 18.89 -17.89 1.43
N VAL C 270 19.70 -18.82 1.87
CA VAL C 270 20.11 -18.77 3.23
C VAL C 270 21.33 -17.86 3.28
N PRO C 271 21.63 -17.33 4.47
CA PRO C 271 22.91 -16.56 4.64
C PRO C 271 24.14 -17.40 4.32
N MET C 272 25.14 -16.80 3.67
CA MET C 272 26.37 -17.49 3.43
C MET C 272 27.04 -17.88 4.73
N SER C 273 27.88 -18.90 4.67
CA SER C 273 28.52 -19.42 5.84
C SER C 273 29.90 -19.93 5.50
N GLY C 274 30.71 -19.95 6.54
CA GLY C 274 32.05 -20.51 6.49
C GLY C 274 32.03 -21.88 7.15
N ALA C 275 33.19 -22.21 7.74
CA ALA C 275 33.42 -23.52 8.27
C ALA C 275 32.46 -23.77 9.44
N GLY C 276 31.93 -24.98 9.47
CA GLY C 276 30.97 -25.42 10.49
C GLY C 276 29.61 -24.80 10.32
N ASN C 277 29.29 -24.35 9.11
CA ASN C 277 28.05 -23.59 8.83
C ASN C 277 27.84 -22.35 9.72
N LYS C 278 28.91 -21.71 10.16
CA LYS C 278 28.83 -20.45 10.93
C LYS C 278 28.70 -19.28 9.98
N THR C 279 27.60 -18.55 10.12
CA THR C 279 27.34 -17.39 9.30
C THR C 279 27.98 -16.18 9.99
N PRO C 280 28.31 -15.11 9.24
CA PRO C 280 28.88 -13.86 9.77
C PRO C 280 27.80 -12.89 10.28
N LEU C 281 26.85 -13.46 11.05
CA LEU C 281 25.67 -12.72 11.59
C LEU C 281 25.70 -12.77 13.11
N ALA C 282 25.40 -11.66 13.74
CA ALA C 282 25.44 -11.62 15.20
C ALA C 282 24.44 -12.50 15.87
N PRO C 283 24.82 -13.20 16.97
CA PRO C 283 23.80 -13.95 17.77
C PRO C 283 22.94 -13.01 18.58
N MET C 284 21.76 -13.43 19.03
CA MET C 284 21.06 -12.69 20.07
C MET C 284 21.96 -12.61 21.30
N SER C 285 21.92 -11.48 21.97
CA SER C 285 22.55 -11.30 23.28
C SER C 285 22.06 -12.37 24.26
N ALA C 286 23.00 -13.15 24.80
CA ALA C 286 22.66 -14.13 25.80
C ALA C 286 21.91 -13.50 27.04
N ASP C 287 22.37 -12.31 27.48
CA ASP C 287 21.68 -11.56 28.56
C ASP C 287 20.23 -11.17 28.25
N MET C 288 19.98 -10.81 27.02
CA MET C 288 18.64 -10.38 26.62
C MET C 288 17.74 -11.59 26.62
N VAL C 289 18.29 -12.72 26.15
CA VAL C 289 17.54 -13.98 26.13
C VAL C 289 17.30 -14.42 27.57
N ASP C 290 18.32 -14.26 28.42
CA ASP C 290 18.14 -14.58 29.85
C ASP C 290 17.07 -13.73 30.52
N GLU C 291 16.99 -12.45 30.19
CA GLU C 291 15.83 -11.67 30.67
C GLU C 291 14.47 -12.31 30.33
N TYR C 292 14.30 -12.80 29.11
CA TYR C 292 12.99 -13.31 28.68
C TYR C 292 12.67 -14.64 29.41
N ARG C 293 13.69 -15.49 29.50
CA ARG C 293 13.55 -16.78 30.12
C ARG C 293 13.17 -16.60 31.60
N ALA C 294 13.84 -15.66 32.28
CA ALA C 294 13.51 -15.33 33.66
C ALA C 294 12.07 -14.87 33.86
N ALA C 295 11.56 -14.16 32.86
CA ALA C 295 10.25 -13.57 32.96
C ALA C 295 9.15 -14.57 32.70
N MET C 296 9.53 -15.79 32.32
CA MET C 296 8.53 -16.77 31.87
C MET C 296 7.71 -17.31 33.06
N ASN C 297 8.14 -17.03 34.30
CA ASN C 297 7.41 -17.42 35.54
C ASN C 297 6.21 -16.52 35.81
N ALA C 298 6.12 -15.41 35.13
CA ALA C 298 4.94 -14.59 35.23
C ALA C 298 4.90 -13.79 33.96
N PRO C 299 4.39 -14.42 32.86
CA PRO C 299 4.48 -13.75 31.60
C PRO C 299 3.34 -12.80 31.46
N ASP C 300 3.49 -11.80 30.60
CA ASP C 300 2.45 -10.83 30.42
C ASP C 300 2.60 -10.17 29.04
N GLN C 301 1.70 -9.25 28.66
CA GLN C 301 1.77 -8.64 27.34
C GLN C 301 3.13 -7.94 27.07
N GLY C 302 3.67 -7.19 28.06
CA GLY C 302 4.99 -6.62 27.96
C GLY C 302 6.11 -7.57 27.56
N LEU C 303 6.32 -8.64 28.30
CA LEU C 303 7.26 -9.65 27.92
C LEU C 303 7.01 -10.11 26.45
N TRP C 304 5.74 -10.35 26.12
CA TRP C 304 5.39 -10.96 24.86
C TRP C 304 5.71 -10.04 23.71
N GLN C 305 5.41 -8.75 23.87
CA GLN C 305 5.71 -7.75 22.88
C GLN C 305 7.24 -7.60 22.70
N ARG C 306 8.00 -7.78 23.79
CA ARG C 306 9.48 -7.74 23.72
C ARG C 306 10.08 -8.92 22.94
N ILE C 307 9.62 -10.12 23.25
CA ILE C 307 10.03 -11.32 22.52
C ILE C 307 9.70 -11.14 21.04
N GLU C 308 8.45 -10.72 20.75
CA GLU C 308 8.05 -10.54 19.35
C GLU C 308 8.85 -9.49 18.60
N GLN C 309 9.16 -8.39 19.30
CA GLN C 309 9.96 -7.35 18.75
C GLN C 309 11.35 -7.91 18.38
N SER C 310 11.92 -8.68 19.28
CA SER C 310 13.21 -9.33 19.08
C SER C 310 13.23 -10.27 17.86
N LEU C 311 12.21 -11.12 17.75
CA LEU C 311 12.24 -12.01 16.60
C LEU C 311 11.88 -11.33 15.25
N THR C 312 11.41 -10.06 15.34
CA THR C 312 11.17 -9.20 14.17
C THR C 312 12.52 -8.56 13.79
N LEU C 313 13.38 -8.27 14.79
CA LEU C 313 14.70 -7.72 14.52
C LEU C 313 15.73 -8.76 14.20
N ALA C 314 15.50 -9.99 14.64
CA ALA C 314 16.47 -11.07 14.54
C ALA C 314 15.73 -12.24 13.86
N PRO C 315 15.71 -12.27 12.52
CA PRO C 315 14.85 -13.22 11.83
C PRO C 315 15.19 -14.70 12.02
N TYR C 316 16.44 -15.02 12.38
CA TYR C 316 16.95 -16.42 12.46
C TYR C 316 16.99 -16.87 13.92
N TRP C 317 16.46 -16.05 14.83
CA TRP C 317 16.44 -16.43 16.26
C TRP C 317 15.21 -17.27 16.47
N PHE C 318 15.31 -18.52 16.03
CA PHE C 318 14.20 -19.42 16.08
C PHE C 318 13.77 -19.75 17.49
N GLU C 319 14.74 -19.86 18.39
CA GLU C 319 14.44 -20.04 19.84
C GLU C 319 13.35 -19.03 20.40
N GLY C 320 13.37 -17.80 19.88
CA GLY C 320 12.38 -16.76 20.18
C GLY C 320 10.94 -17.13 19.86
N HIS C 321 10.76 -17.92 18.80
CA HIS C 321 9.44 -18.44 18.43
C HIS C 321 8.93 -19.42 19.45
N ARG C 322 9.81 -20.32 19.89
CA ARG C 322 9.48 -21.19 21.01
C ARG C 322 9.05 -20.42 22.26
N LEU C 323 9.81 -19.40 22.64
CA LEU C 323 9.41 -18.58 23.79
C LEU C 323 8.09 -17.82 23.58
N SER C 324 7.93 -17.21 22.41
CA SER C 324 6.69 -16.53 22.10
C SER C 324 5.45 -17.47 22.24
N ALA C 325 5.61 -18.70 21.72
CA ALA C 325 4.56 -19.69 21.75
C ALA C 325 4.31 -20.12 23.20
N GLU C 326 5.37 -20.26 23.96
CA GLU C 326 5.24 -20.62 25.38
C GLU C 326 4.50 -19.53 26.17
N VAL C 327 4.84 -18.27 25.91
CA VAL C 327 4.07 -17.14 26.48
C VAL C 327 2.58 -17.15 26.04
N ALA C 328 2.32 -17.34 24.75
CA ALA C 328 0.95 -17.41 24.22
C ALA C 328 0.12 -18.41 24.99
N GLU C 329 0.74 -19.58 25.25
CA GLU C 329 0.04 -20.68 25.79
C GLU C 329 -0.29 -20.45 27.26
N LYS C 330 0.60 -19.75 27.95
CA LYS C 330 0.42 -19.39 29.34
C LYS C 330 -0.50 -18.27 29.57
N LEU C 331 -0.67 -17.43 28.59
CA LEU C 331 -1.63 -16.38 28.68
C LEU C 331 -2.96 -16.86 28.21
N GLY C 332 -3.06 -18.14 27.85
CA GLY C 332 -4.30 -18.76 27.43
C GLY C 332 -4.67 -18.68 25.97
N PHE C 333 -3.68 -18.38 25.11
CA PHE C 333 -3.91 -18.17 23.66
C PHE C 333 -3.31 -19.37 22.87
N GLY C 334 -3.95 -20.51 23.08
CA GLY C 334 -3.66 -21.77 22.44
C GLY C 334 -3.57 -21.77 20.94
N ALA C 335 -4.52 -21.14 20.26
CA ALA C 335 -4.53 -21.05 18.81
C ALA C 335 -3.34 -20.21 18.29
N VAL C 336 -3.02 -19.13 19.03
CA VAL C 336 -1.86 -18.35 18.66
C VAL C 336 -0.61 -19.18 18.88
N ALA C 337 -0.46 -19.91 20.02
CA ALA C 337 0.74 -20.78 20.22
C ALA C 337 0.95 -21.76 19.10
N GLN C 338 -0.13 -22.42 18.74
CA GLN C 338 -0.12 -23.40 17.66
C GLN C 338 0.26 -22.75 16.30
N ALA C 339 -0.34 -21.61 15.96
CA ALA C 339 -0.01 -20.85 14.73
C ALA C 339 1.48 -20.41 14.66
N ILE C 340 2.04 -20.01 15.79
CA ILE C 340 3.47 -19.70 15.88
C ILE C 340 4.36 -20.89 15.48
N ALA C 341 4.04 -22.06 16.03
CA ALA C 341 4.75 -23.28 15.65
C ALA C 341 4.65 -23.64 14.15
N GLU C 342 3.43 -23.55 13.64
CA GLU C 342 3.17 -23.91 12.26
C GLU C 342 3.92 -22.99 11.30
N GLU C 343 3.86 -21.68 11.58
CA GLU C 343 4.57 -20.67 10.75
C GLU C 343 6.11 -20.90 10.66
N LEU C 344 6.73 -21.26 11.81
CA LEU C 344 8.15 -21.59 11.79
C LEU C 344 8.38 -22.88 10.99
N GLY C 345 7.56 -23.91 11.24
CA GLY C 345 7.58 -25.17 10.47
C GLY C 345 7.47 -24.94 8.99
N THR C 346 6.54 -24.08 8.60
CA THR C 346 6.32 -23.74 7.21
C THR C 346 7.57 -23.07 6.57
N PHE C 347 8.12 -22.05 7.24
CA PHE C 347 9.34 -21.38 6.79
C PHE C 347 10.47 -22.37 6.65
N LEU C 348 10.68 -23.25 7.65
CA LEU C 348 11.77 -24.22 7.57
C LEU C 348 11.57 -25.28 6.48
N GLN C 349 10.35 -25.50 6.06
CA GLN C 349 10.11 -26.38 4.90
C GLN C 349 10.51 -25.74 3.55
N ARG C 350 10.36 -24.43 3.42
CA ARG C 350 10.78 -23.73 2.23
C ARG C 350 12.31 -23.60 2.18
N LEU C 351 12.92 -23.26 3.34
CA LEU C 351 14.38 -23.15 3.47
C LEU C 351 14.99 -24.13 4.47
N PRO C 352 14.99 -25.45 4.12
CA PRO C 352 15.52 -26.41 5.10
C PRO C 352 16.95 -26.26 5.55
N ALA C 353 17.78 -25.63 4.74
CA ALA C 353 19.19 -25.50 5.08
C ALA C 353 19.38 -24.62 6.32
N LEU C 354 18.40 -23.77 6.62
CA LEU C 354 18.41 -22.97 7.82
C LEU C 354 18.53 -23.87 9.07
N ARG C 355 18.08 -25.13 9.00
CA ARG C 355 18.22 -26.01 10.16
C ARG C 355 19.66 -26.28 10.48
N GLU C 356 20.58 -26.17 9.51
CA GLU C 356 21.94 -26.56 9.73
C GLU C 356 22.90 -25.41 10.07
N LEU C 357 22.42 -24.16 10.13
CA LEU C 357 23.33 -22.96 10.23
C LEU C 357 23.42 -22.45 11.59
N ALA C 358 24.43 -21.65 11.83
CA ALA C 358 24.67 -21.04 13.13
C ALA C 358 25.11 -19.59 12.94
N PHE C 359 24.97 -18.83 14.01
CA PHE C 359 25.51 -17.47 14.11
C PHE C 359 27.01 -17.50 14.25
N SER C 360 27.63 -16.31 14.27
CA SER C 360 29.07 -16.17 14.22
C SER C 360 29.79 -16.81 15.39
N ASP C 361 29.11 -16.96 16.53
CA ASP C 361 29.67 -17.63 17.73
C ASP C 361 29.45 -19.16 17.81
N GLY C 362 28.93 -19.75 16.75
CA GLY C 362 28.58 -21.17 16.76
C GLY C 362 27.26 -21.54 17.36
N SER C 363 26.46 -20.58 17.85
CA SER C 363 25.17 -20.91 18.43
C SER C 363 24.19 -21.16 17.30
N PRO C 364 23.38 -22.23 17.39
CA PRO C 364 22.60 -22.65 16.23
C PRO C 364 21.38 -21.78 15.99
N PHE C 365 21.04 -21.52 14.73
CA PHE C 365 19.71 -20.93 14.44
C PHE C 365 18.60 -21.75 15.14
N LEU C 366 18.67 -23.07 14.99
CA LEU C 366 17.66 -24.00 15.49
C LEU C 366 18.36 -24.98 16.44
N SER C 367 18.27 -24.79 17.75
CA SER C 367 18.81 -25.78 18.68
C SER C 367 18.09 -27.17 18.53
N PRO C 368 18.75 -28.27 18.96
CA PRO C 368 18.02 -29.55 19.08
C PRO C 368 16.71 -29.42 19.95
N GLU C 369 16.70 -28.57 20.97
CA GLU C 369 15.49 -28.36 21.79
C GLU C 369 14.36 -27.75 20.96
N CYS C 370 14.67 -26.65 20.29
CA CYS C 370 13.70 -25.96 19.46
C CYS C 370 13.23 -26.91 18.34
N SER C 371 14.16 -27.70 17.81
CA SER C 371 13.85 -28.67 16.76
C SER C 371 12.88 -29.71 17.28
N ARG C 372 13.17 -30.21 18.49
CA ARG C 372 12.32 -31.22 19.09
C ARG C 372 10.93 -30.62 19.38
N TRP C 373 10.88 -29.42 19.98
CA TRP C 373 9.60 -28.68 20.18
C TRP C 373 8.78 -28.59 18.91
N LEU C 374 9.42 -28.26 17.80
CA LEU C 374 8.70 -28.05 16.55
C LEU C 374 8.10 -29.39 16.08
N LEU C 375 8.96 -30.42 16.14
CA LEU C 375 8.60 -31.78 15.73
C LEU C 375 7.36 -32.19 16.51
N GLU C 376 7.35 -31.94 17.81
CA GLU C 376 6.16 -32.18 18.60
C GLU C 376 5.09 -31.16 18.20
N ASP D 231 14.54 31.24 -19.72
CA ASP D 231 14.66 30.09 -18.76
C ASP D 231 14.97 30.55 -17.34
N ARG D 232 15.92 31.49 -17.19
CA ARG D 232 16.20 32.05 -15.86
C ARG D 232 14.98 32.76 -15.25
N ALA D 233 14.25 33.52 -16.06
CA ALA D 233 13.05 34.23 -15.57
C ALA D 233 11.91 33.26 -15.26
N TRP D 234 11.82 32.25 -16.09
CA TRP D 234 10.81 31.17 -15.94
C TRP D 234 11.01 30.42 -14.65
N ARG D 235 12.28 30.11 -14.35
CA ARG D 235 12.63 29.52 -13.08
C ARG D 235 12.14 30.35 -11.92
N GLN D 236 12.38 31.67 -12.02
CA GLN D 236 11.90 32.62 -11.02
C GLN D 236 10.38 32.67 -10.93
N THR D 237 9.69 32.76 -12.06
CA THR D 237 8.23 32.70 -12.10
C THR D 237 7.76 31.42 -11.36
N GLN D 238 8.36 30.27 -11.68
CA GLN D 238 7.93 29.02 -11.01
C GLN D 238 8.17 29.05 -9.51
N LEU D 239 9.31 29.59 -9.05
CA LEU D 239 9.61 29.63 -7.63
C LEU D 239 8.65 30.57 -6.88
N LYS D 240 8.29 31.69 -7.50
CA LYS D 240 7.36 32.62 -6.82
C LYS D 240 5.98 31.95 -6.72
N VAL D 241 5.51 31.40 -7.83
CA VAL D 241 4.22 30.68 -7.80
C VAL D 241 4.29 29.54 -6.75
N ALA D 242 5.39 28.77 -6.72
CA ALA D 242 5.47 27.72 -5.70
C ALA D 242 5.41 28.30 -4.28
N GLU D 243 6.07 29.43 -4.05
CA GLU D 243 6.08 30.01 -2.73
C GLU D 243 4.70 30.39 -2.33
N LEU D 244 3.98 31.00 -3.27
CA LEU D 244 2.59 31.36 -3.01
C LEU D 244 1.69 30.14 -2.69
N LEU D 245 1.78 29.11 -3.54
CA LEU D 245 0.99 27.89 -3.29
C LEU D 245 1.30 27.33 -1.91
N ILE D 246 2.59 27.36 -1.51
CA ILE D 246 2.99 26.68 -0.24
C ILE D 246 2.49 27.50 0.99
N GLU D 247 2.65 28.81 0.92
CA GLU D 247 2.18 29.74 1.99
C GLU D 247 0.70 29.51 2.27
N ARG D 248 -0.08 29.56 1.19
CA ARG D 248 -1.54 29.37 1.23
C ARG D 248 -2.01 28.02 1.74
N GLN D 249 -1.36 26.92 1.37
CA GLN D 249 -1.76 25.58 1.82
C GLN D 249 -0.51 24.73 2.03
N PRO D 250 0.07 24.81 3.25
CA PRO D 250 1.30 24.03 3.51
C PRO D 250 1.10 22.53 3.37
N GLU D 251 -0.15 22.10 3.50
CA GLU D 251 -0.49 20.72 3.50
C GLU D 251 -0.73 20.09 2.12
N VAL D 252 -0.62 20.89 1.07
CA VAL D 252 -0.92 20.49 -0.29
C VAL D 252 0.40 20.34 -1.03
N ALA D 253 0.49 19.24 -1.76
CA ALA D 253 1.76 18.80 -2.35
C ALA D 253 2.22 19.66 -3.47
N VAL D 254 1.30 20.23 -4.28
CA VAL D 254 1.66 20.72 -5.60
C VAL D 254 2.66 21.89 -5.61
N GLY D 255 2.59 22.77 -4.62
CA GLY D 255 3.53 23.90 -4.55
C GLY D 255 4.96 23.40 -4.38
N TYR D 256 5.11 22.37 -3.53
CA TYR D 256 6.38 21.70 -3.29
C TYR D 256 6.91 21.03 -4.56
N ARG D 257 6.02 20.41 -5.32
CA ARG D 257 6.45 19.77 -6.57
C ARG D 257 6.89 20.80 -7.56
N LEU D 258 6.20 21.94 -7.57
CA LEU D 258 6.56 22.94 -8.56
C LEU D 258 7.96 23.54 -8.24
N ARG D 259 8.27 23.59 -6.97
CA ARG D 259 9.59 24.14 -6.56
C ARG D 259 10.67 23.21 -6.99
N ARG D 260 10.47 21.89 -6.86
CA ARG D 260 11.43 20.97 -7.40
C ARG D 260 11.65 21.10 -8.90
N HIS D 261 10.61 21.25 -9.65
CA HIS D 261 10.75 21.48 -11.08
C HIS D 261 11.54 22.74 -11.35
N ALA D 262 11.26 23.79 -10.62
CA ALA D 262 11.95 25.10 -10.81
C ALA D 262 13.45 24.95 -10.62
N VAL D 263 13.84 24.22 -9.56
CA VAL D 263 15.23 24.05 -9.16
C VAL D 263 15.98 23.09 -10.09
N TRP D 264 15.32 21.98 -10.45
CA TRP D 264 15.96 20.86 -11.13
C TRP D 264 15.78 20.75 -12.62
N ALA D 265 14.67 21.28 -13.17
CA ALA D 265 14.31 20.95 -14.57
C ALA D 265 15.38 21.40 -15.56
N GLY D 266 16.10 22.44 -15.20
CA GLY D 266 17.19 23.01 -16.05
C GLY D 266 18.43 22.18 -16.06
N ILE D 267 18.54 21.21 -15.13
CA ILE D 267 19.71 20.35 -15.07
C ILE D 267 19.51 19.20 -16.02
N THR D 268 20.34 19.15 -17.07
CA THR D 268 20.35 18.02 -18.05
C THR D 268 21.63 17.27 -18.20
N ALA D 269 22.67 17.77 -17.58
CA ALA D 269 23.95 17.13 -17.53
C ALA D 269 24.30 17.11 -16.02
N VAL D 270 24.96 16.06 -15.57
CA VAL D 270 25.41 16.01 -14.19
C VAL D 270 26.68 16.84 -14.05
N PRO D 271 26.97 17.32 -12.83
CA PRO D 271 28.24 18.12 -12.69
C PRO D 271 29.48 17.34 -13.03
N MET D 272 30.47 18.00 -13.64
CA MET D 272 31.75 17.32 -13.88
C MET D 272 32.41 16.88 -12.59
N SER D 273 33.27 15.88 -12.69
CA SER D 273 33.90 15.30 -11.51
C SER D 273 35.30 14.76 -11.83
N GLY D 274 36.15 14.84 -10.84
CA GLY D 274 37.49 14.24 -10.83
C GLY D 274 37.47 12.85 -10.21
N ALA D 275 38.60 12.47 -9.62
CA ALA D 275 38.74 11.14 -9.06
C ALA D 275 37.76 10.92 -7.90
N GLY D 276 37.24 9.72 -7.84
CA GLY D 276 36.31 9.33 -6.80
C GLY D 276 34.95 9.95 -7.05
N ASN D 277 34.69 10.44 -8.26
CA ASN D 277 33.45 11.17 -8.54
C ASN D 277 33.27 12.41 -7.59
N LYS D 278 34.35 13.09 -7.23
CA LYS D 278 34.26 14.34 -6.49
C LYS D 278 34.09 15.54 -7.43
N THR D 279 32.94 16.19 -7.30
CA THR D 279 32.67 17.39 -8.09
C THR D 279 33.32 18.59 -7.39
N PRO D 280 33.70 19.65 -8.13
CA PRO D 280 34.24 20.86 -7.54
C PRO D 280 33.08 21.78 -7.01
N LEU D 281 32.16 21.21 -6.24
CA LEU D 281 31.02 21.98 -5.71
C LEU D 281 31.13 21.89 -4.19
N ALA D 282 30.81 23.02 -3.58
CA ALA D 282 30.87 23.12 -2.10
C ALA D 282 29.83 22.25 -1.44
N PRO D 283 30.20 21.52 -0.36
CA PRO D 283 29.21 20.79 0.43
C PRO D 283 28.32 21.74 1.24
N MET D 284 27.14 21.31 1.68
CA MET D 284 26.39 22.05 2.74
C MET D 284 27.30 22.18 3.94
N SER D 285 27.30 23.36 4.55
CA SER D 285 27.96 23.54 5.85
C SER D 285 27.44 22.50 6.86
N ALA D 286 28.34 21.70 7.44
CA ALA D 286 27.89 20.67 8.38
C ALA D 286 27.24 21.27 9.70
N ASP D 287 27.67 22.47 10.12
CA ASP D 287 27.05 23.21 11.21
C ASP D 287 25.66 23.68 10.84
N MET D 288 25.43 24.09 9.60
CA MET D 288 24.12 24.51 9.18
C MET D 288 23.22 23.29 9.19
N VAL D 289 23.74 22.15 8.72
CA VAL D 289 22.98 20.90 8.71
C VAL D 289 22.73 20.43 10.14
N ASP D 290 23.72 20.53 10.99
CA ASP D 290 23.48 20.15 12.44
C ASP D 290 22.38 20.98 13.18
N GLU D 291 22.28 22.25 12.86
CA GLU D 291 21.18 23.06 13.34
C GLU D 291 19.81 22.48 12.98
N TYR D 292 19.63 22.03 11.74
CA TYR D 292 18.35 21.49 11.33
C TYR D 292 18.05 20.15 12.05
N ARG D 293 19.06 19.31 12.10
CA ARG D 293 19.04 18.06 12.83
C ARG D 293 18.63 18.26 14.27
N ALA D 294 19.29 19.18 14.94
CA ALA D 294 18.94 19.55 16.32
C ALA D 294 17.49 19.90 16.50
N ALA D 295 16.92 20.60 15.54
CA ALA D 295 15.61 21.15 15.64
C ALA D 295 14.51 20.14 15.36
N MET D 296 14.86 18.95 14.91
CA MET D 296 13.84 17.98 14.51
C MET D 296 13.13 17.45 15.76
N ASN D 297 13.64 17.74 16.97
CA ASN D 297 12.93 17.43 18.23
C ASN D 297 11.66 18.25 18.45
N ALA D 298 11.56 19.37 17.76
CA ALA D 298 10.39 20.20 17.84
C ALA D 298 10.29 21.02 16.56
N PRO D 299 9.86 20.36 15.46
CA PRO D 299 9.84 21.05 14.19
C PRO D 299 8.69 22.05 14.09
N ASP D 300 8.89 23.13 13.32
CA ASP D 300 7.83 24.09 13.05
C ASP D 300 8.08 24.64 11.69
N GLN D 301 7.17 25.48 11.25
CA GLN D 301 7.21 26.09 9.93
C GLN D 301 8.54 26.85 9.63
N GLY D 302 9.04 27.60 10.65
CA GLY D 302 10.30 28.32 10.55
C GLY D 302 11.43 27.41 10.08
N LEU D 303 11.58 26.28 10.77
CA LEU D 303 12.58 25.29 10.50
C LEU D 303 12.36 24.73 9.08
N TRP D 304 11.12 24.33 8.83
CA TRP D 304 10.76 23.75 7.54
C TRP D 304 11.09 24.68 6.40
N GLN D 305 10.79 25.96 6.59
CA GLN D 305 11.13 26.98 5.61
C GLN D 305 12.66 27.03 5.41
N ARG D 306 13.45 26.92 6.47
CA ARG D 306 14.91 27.06 6.31
C ARG D 306 15.49 25.87 5.53
N ILE D 307 15.00 24.67 5.86
CA ILE D 307 15.40 23.46 5.14
C ILE D 307 15.02 23.65 3.65
N GLU D 308 13.78 24.07 3.40
CA GLU D 308 13.37 24.23 2.01
C GLU D 308 14.21 25.24 1.31
N GLN D 309 14.48 26.39 1.95
CA GLN D 309 15.32 27.37 1.36
C GLN D 309 16.73 26.80 1.10
N SER D 310 17.26 26.02 2.04
CA SER D 310 18.54 25.38 1.76
C SER D 310 18.55 24.47 0.49
N LEU D 311 17.44 23.74 0.31
CA LEU D 311 17.27 22.83 -0.87
C LEU D 311 17.24 23.57 -2.17
N THR D 312 16.78 24.82 -2.15
CA THR D 312 16.61 25.64 -3.35
C THR D 312 17.97 26.25 -3.67
N LEU D 313 18.74 26.53 -2.63
CA LEU D 313 20.05 27.08 -2.87
C LEU D 313 21.07 25.99 -3.17
N ALA D 314 20.81 24.76 -2.69
CA ALA D 314 21.78 23.67 -2.80
C ALA D 314 21.09 22.50 -3.50
N PRO D 315 21.12 22.49 -4.86
CA PRO D 315 20.24 21.55 -5.55
C PRO D 315 20.63 20.11 -5.35
N TYR D 316 21.89 19.83 -4.96
CA TYR D 316 22.35 18.42 -4.90
C TYR D 316 22.39 17.92 -3.46
N TRP D 317 21.85 18.72 -2.54
CA TRP D 317 21.82 18.40 -1.12
C TRP D 317 20.62 17.52 -0.89
N PHE D 318 20.71 16.27 -1.29
CA PHE D 318 19.55 15.38 -1.22
C PHE D 318 19.09 14.99 0.19
N GLU D 319 20.05 14.94 1.09
CA GLU D 319 19.78 14.79 2.54
C GLU D 319 18.74 15.80 3.04
N GLY D 320 18.73 17.00 2.46
CA GLY D 320 17.74 18.00 2.80
C GLY D 320 16.31 17.59 2.50
N HIS D 321 16.12 16.83 1.42
CA HIS D 321 14.77 16.34 1.06
C HIS D 321 14.27 15.35 2.09
N ARG D 322 15.13 14.44 2.52
CA ARG D 322 14.81 13.55 3.65
C ARG D 322 14.40 14.30 4.95
N LEU D 323 15.20 15.30 5.34
CA LEU D 323 14.80 16.15 6.50
C LEU D 323 13.50 16.89 6.28
N SER D 324 13.35 17.48 5.09
CA SER D 324 12.15 18.16 4.75
C SER D 324 10.90 17.25 4.88
N ALA D 325 11.00 16.05 4.33
CA ALA D 325 9.88 15.07 4.39
C ALA D 325 9.65 14.62 5.87
N GLU D 326 10.73 14.48 6.63
CA GLU D 326 10.57 14.15 8.04
C GLU D 326 9.80 15.24 8.83
N VAL D 327 10.14 16.49 8.60
CA VAL D 327 9.39 17.62 9.14
C VAL D 327 7.90 17.66 8.71
N ALA D 328 7.67 17.58 7.42
CA ALA D 328 6.31 17.34 6.91
C ALA D 328 5.56 16.25 7.69
N GLU D 329 6.19 15.09 7.84
CA GLU D 329 5.53 13.97 8.47
C GLU D 329 5.20 14.32 9.92
N LYS D 330 6.14 14.94 10.62
CA LYS D 330 5.95 15.35 12.01
C LYS D 330 4.96 16.45 12.24
N LEU D 331 4.76 17.30 11.26
CA LEU D 331 3.73 18.31 11.33
C LEU D 331 2.37 17.78 10.90
N GLY D 332 2.28 16.51 10.53
CA GLY D 332 1.01 15.90 10.08
C GLY D 332 0.70 16.07 8.62
N PHE D 333 1.70 16.35 7.78
CA PHE D 333 1.48 16.60 6.36
C PHE D 333 2.02 15.40 5.58
N GLY D 334 1.30 14.29 5.73
CA GLY D 334 1.63 13.00 5.12
C GLY D 334 1.81 12.97 3.61
N ALA D 335 0.87 13.61 2.90
CA ALA D 335 0.84 13.73 1.45
C ALA D 335 2.02 14.56 0.88
N VAL D 336 2.40 15.63 1.60
CA VAL D 336 3.56 16.41 1.23
C VAL D 336 4.82 15.57 1.45
N ALA D 337 4.95 14.89 2.61
CA ALA D 337 6.11 14.02 2.84
C ALA D 337 6.29 13.02 1.72
N GLN D 338 5.20 12.42 1.30
CA GLN D 338 5.25 11.47 0.21
C GLN D 338 5.62 12.10 -1.15
N ALA D 339 5.05 13.26 -1.45
CA ALA D 339 5.37 13.97 -2.69
C ALA D 339 6.86 14.33 -2.72
N ILE D 340 7.43 14.75 -1.60
CA ILE D 340 8.84 15.08 -1.54
C ILE D 340 9.71 13.84 -1.85
N ALA D 341 9.34 12.68 -1.32
CA ALA D 341 10.07 11.48 -1.70
C ALA D 341 9.99 11.13 -3.19
N GLU D 342 8.78 11.22 -3.73
CA GLU D 342 8.53 10.88 -5.10
C GLU D 342 9.28 11.81 -6.07
N GLU D 343 9.27 13.12 -5.78
CA GLU D 343 9.91 14.07 -6.66
C GLU D 343 11.42 13.83 -6.70
N LEU D 344 12.03 13.47 -5.55
CA LEU D 344 13.48 13.20 -5.59
C LEU D 344 13.72 11.91 -6.39
N GLY D 345 12.86 10.89 -6.18
CA GLY D 345 12.93 9.66 -6.96
C GLY D 345 12.86 9.91 -8.44
N THR D 346 11.93 10.73 -8.86
CA THR D 346 11.79 11.10 -10.30
C THR D 346 12.98 11.79 -10.90
N PHE D 347 13.50 12.73 -10.15
CA PHE D 347 14.71 13.41 -10.53
C PHE D 347 15.82 12.42 -10.74
N LEU D 348 16.05 11.53 -9.76
CA LEU D 348 17.16 10.57 -9.82
C LEU D 348 16.97 9.50 -10.92
N GLN D 349 15.73 9.14 -11.19
CA GLN D 349 15.43 8.29 -12.38
C GLN D 349 15.85 8.93 -13.71
N ARG D 350 15.69 10.25 -13.84
CA ARG D 350 16.11 10.98 -15.08
C ARG D 350 17.66 11.09 -15.14
N LEU D 351 18.27 11.32 -13.96
CA LEU D 351 19.73 11.53 -13.85
C LEU D 351 20.38 10.56 -12.88
N PRO D 352 20.41 9.29 -13.25
CA PRO D 352 20.91 8.34 -12.27
C PRO D 352 22.35 8.54 -11.88
N ALA D 353 23.17 9.18 -12.70
CA ALA D 353 24.59 9.35 -12.31
C ALA D 353 24.79 10.20 -11.05
N LEU D 354 23.82 11.03 -10.71
CA LEU D 354 23.81 11.81 -9.51
C LEU D 354 23.95 10.96 -8.27
N ARG D 355 23.42 9.72 -8.28
CA ARG D 355 23.55 8.82 -7.12
C ARG D 355 24.97 8.46 -6.82
N GLU D 356 25.87 8.53 -7.79
CA GLU D 356 27.25 8.18 -7.59
C GLU D 356 28.19 9.36 -7.26
N LEU D 357 27.71 10.61 -7.24
CA LEU D 357 28.62 11.77 -7.15
C LEU D 357 28.72 12.31 -5.76
N ALA D 358 29.81 13.06 -5.54
CA ALA D 358 30.13 13.71 -4.29
C ALA D 358 30.52 15.20 -4.49
N PHE D 359 30.37 15.94 -3.42
CA PHE D 359 30.86 17.27 -3.27
C PHE D 359 32.39 17.29 -3.15
N SER D 360 33.00 18.49 -3.12
CA SER D 360 34.45 18.61 -3.14
C SER D 360 35.15 17.95 -1.97
N ASP D 361 34.47 17.81 -0.83
CA ASP D 361 35.04 17.13 0.36
C ASP D 361 34.81 15.62 0.44
N GLY D 362 34.24 15.03 -0.60
CA GLY D 362 33.92 13.61 -0.62
C GLY D 362 32.62 13.19 0.04
N SER D 363 31.82 14.15 0.53
CA SER D 363 30.48 13.87 1.03
C SER D 363 29.57 13.62 -0.14
N PRO D 364 28.76 12.57 -0.06
CA PRO D 364 27.95 12.11 -1.18
C PRO D 364 26.71 12.99 -1.43
N PHE D 365 26.33 13.17 -2.69
CA PHE D 365 25.00 13.77 -2.98
C PHE D 365 23.92 12.99 -2.27
N LEU D 366 24.00 11.66 -2.40
CA LEU D 366 22.98 10.72 -1.89
C LEU D 366 23.68 9.75 -0.97
N SER D 367 23.56 9.93 0.35
CA SER D 367 24.12 8.93 1.27
C SER D 367 23.42 7.55 1.14
N PRO D 368 24.13 6.46 1.55
CA PRO D 368 23.41 5.18 1.69
C PRO D 368 22.10 5.28 2.59
N GLU D 369 22.06 6.18 3.57
CA GLU D 369 20.84 6.38 4.39
C GLU D 369 19.70 7.04 3.59
N CYS D 370 20.01 8.13 2.92
CA CYS D 370 19.03 8.79 2.10
C CYS D 370 18.55 7.86 0.95
N SER D 371 19.48 7.10 0.38
CA SER D 371 19.20 6.15 -0.66
C SER D 371 18.21 5.08 -0.17
N ARG D 372 18.47 4.57 1.03
CA ARG D 372 17.59 3.53 1.60
C ARG D 372 16.24 4.16 1.93
N TRP D 373 16.23 5.35 2.54
CA TRP D 373 14.98 6.08 2.83
C TRP D 373 14.11 6.16 1.57
N LEU D 374 14.74 6.55 0.46
CA LEU D 374 14.06 6.72 -0.82
C LEU D 374 13.45 5.40 -1.35
N LEU D 375 14.25 4.35 -1.26
CA LEU D 375 13.82 3.01 -1.64
C LEU D 375 12.62 2.57 -0.79
N GLU D 376 12.66 2.82 0.52
CA GLU D 376 11.57 2.43 1.44
C GLU D 376 10.28 3.26 1.28
#